data_5FYZ
#
_entry.id   5FYZ
#
_cell.length_a   141.880
_cell.length_b   141.880
_cell.length_c   152.080
_cell.angle_alpha   90.00
_cell.angle_beta   90.00
_cell.angle_gamma   120.00
#
_symmetry.space_group_name_H-M   'P 65 2 2'
#
loop_
_entity.id
_entity.type
_entity.pdbx_description
1 polymer 'LYSINE-SPECIFIC DEMETHYLASE 5B'
2 non-polymer 'ZINC ION'
3 non-polymer [(3S)-2-oxo-2,3-dihydro-1H-indol-3-yl]acetonitrile
4 non-polymer 'MANGANESE (II) ION'
5 non-polymer 'PHOSPHATE ION'
6 non-polymer 1,2-ETHANEDIOL
7 non-polymer 'DIMETHYL SULFOXIDE'
8 non-polymer 'SODIUM ION'
9 water water
#
_entity_poly.entity_id   1
_entity_poly.type   'polypeptide(L)'
_entity_poly.pdbx_seq_one_letter_code
;SMFLPPPECPVFEPSWEEFADPFAFIHKIRPIAEQTGICKVRPPPDWQPPFACDVDKLHFTPRIQRLNELEAQTRVKLGG
GGARDYTLRTFGEMADAFKSDYFNMPVHMVPTELVEKEFWRLVSTIEEDVTVEYGADIASKEFGSGFPVRDGKIKLSPEE
EEYLDSGWNLNNMPVMEQSVLAHITADICGMKLPWLYVGMCFSSFCWHIEDHWSYSINYLHWGEPKTWYGVPGYAAEQLE
NVMKKLAPELFVSQPDLLHQLVTIMNPNTLMTHEVPVYRTNQCAGEFVITFPRAYHSGFNQGFNFAEAVNFCTVDWLPLG
RQCVEHYRLLHRYCVFSHDEMICKMASKADVLDVVVASTVQKDMAIMIEDEKALRETVRKLGVIDSERMDFELLPDDERQ
CVKCKTTCFMSAISCSCKPGLLVCLHHVKELCSCPPYKYKLRYRYTLDDLYPMMNALKLRAESYNEWALNVNEALEAKI
;
_entity_poly.pdbx_strand_id   A
#
# COMPACT_ATOMS: atom_id res chain seq x y z
N SER A 1 -1.25 -19.17 27.29
CA SER A 1 -1.03 -20.50 26.78
C SER A 1 -1.73 -20.67 25.45
N MET A 2 -1.13 -21.47 24.58
CA MET A 2 -1.59 -21.62 23.19
C MET A 2 -1.69 -20.27 22.46
N PHE A 3 -2.71 -19.43 22.68
CA PHE A 3 -2.65 -18.08 22.08
C PHE A 3 -2.83 -16.93 23.06
N LEU A 4 -1.82 -16.06 23.12
CA LEU A 4 -1.89 -14.87 23.94
C LEU A 4 -2.10 -13.62 23.08
N PRO A 5 -3.28 -12.99 23.19
CA PRO A 5 -3.56 -11.81 22.36
C PRO A 5 -2.55 -10.68 22.58
N PRO A 6 -2.02 -10.12 21.49
CA PRO A 6 -1.20 -8.93 21.56
C PRO A 6 -1.95 -7.79 22.25
N PRO A 7 -1.23 -6.82 22.82
CA PRO A 7 -1.89 -5.64 23.39
C PRO A 7 -2.68 -4.90 22.33
N GLU A 8 -3.74 -4.21 22.76
CA GLU A 8 -4.58 -3.44 21.85
C GLU A 8 -3.84 -2.26 21.25
N CYS A 9 -4.11 -1.95 19.98
CA CYS A 9 -3.52 -0.77 19.35
C CYS A 9 -4.31 0.47 19.82
N PRO A 10 -3.77 1.67 19.57
CA PRO A 10 -4.48 2.90 19.95
C PRO A 10 -5.82 3.03 19.24
N VAL A 11 -6.80 3.59 19.95
CA VAL A 11 -8.11 3.83 19.37
C VAL A 11 -8.42 5.31 19.55
N PHE A 12 -8.79 5.98 18.46
CA PHE A 12 -9.05 7.40 18.51
C PHE A 12 -10.53 7.66 18.27
N GLU A 13 -11.09 8.58 19.04
CA GLU A 13 -12.48 8.98 18.88
C GLU A 13 -12.56 10.50 18.66
N PRO A 14 -12.20 10.96 17.45
CA PRO A 14 -12.13 12.40 17.16
C PRO A 14 -13.49 13.11 17.21
N SER A 15 -13.48 14.32 17.73
CA SER A 15 -14.63 15.21 17.63
C SER A 15 -14.84 15.55 16.16
N TRP A 16 -15.98 16.15 15.83
CA TRP A 16 -16.22 16.51 14.45
C TRP A 16 -15.16 17.50 13.97
N GLU A 17 -14.80 18.46 14.82
CA GLU A 17 -13.75 19.42 14.48
C GLU A 17 -12.43 18.72 14.16
N GLU A 18 -12.02 17.80 15.03
CA GLU A 18 -10.78 17.03 14.86
C GLU A 18 -10.82 16.09 13.66
N PHE A 19 -12.03 15.68 13.29
CA PHE A 19 -12.25 14.64 12.28
C PHE A 19 -12.33 15.18 10.87
N ALA A 20 -12.92 16.36 10.75
CA ALA A 20 -13.25 16.98 9.46
C ALA A 20 -12.15 16.82 8.41
N ASP A 21 -10.92 17.18 8.77
CA ASP A 21 -9.80 17.07 7.84
C ASP A 21 -8.92 15.86 8.20
N PRO A 22 -9.01 14.80 7.39
CA PRO A 22 -8.28 13.55 7.63
C PRO A 22 -6.76 13.74 7.69
N PHE A 23 -6.22 14.61 6.85
CA PHE A 23 -4.76 14.78 6.83
C PHE A 23 -4.25 15.48 8.08
N ALA A 24 -4.98 16.50 8.53
CA ALA A 24 -4.63 17.17 9.77
C ALA A 24 -4.74 16.20 10.95
N PHE A 25 -5.79 15.40 10.93
CA PHE A 25 -6.01 14.42 11.99
C PHE A 25 -4.90 13.37 12.02
N ILE A 26 -4.57 12.82 10.86
CA ILE A 26 -3.54 11.78 10.78
C ILE A 26 -2.21 12.35 11.27
N HIS A 27 -1.91 13.59 10.89
CA HIS A 27 -0.69 14.25 11.34
C HIS A 27 -0.69 14.37 12.87
N LYS A 28 -1.84 14.68 13.44
CA LYS A 28 -1.95 14.85 14.88
C LYS A 28 -1.66 13.54 15.64
N ILE A 29 -2.23 12.43 15.19
CA ILE A 29 -2.08 11.16 15.90
C ILE A 29 -0.77 10.45 15.59
N ARG A 30 -0.06 10.92 14.57
CA ARG A 30 1.15 10.24 14.11
C ARG A 30 2.20 9.91 15.19
N PRO A 31 2.49 10.85 16.12
CA PRO A 31 3.51 10.50 17.12
C PRO A 31 3.12 9.28 17.97
N ILE A 32 1.84 9.12 18.23
CA ILE A 32 1.32 7.96 18.96
C ILE A 32 1.25 6.73 18.06
N ALA A 33 0.53 6.85 16.95
CA ALA A 33 0.21 5.70 16.13
C ALA A 33 1.42 5.12 15.38
N GLU A 34 2.43 5.92 15.08
CA GLU A 34 3.57 5.38 14.36
C GLU A 34 4.40 4.46 15.27
N GLN A 35 4.17 4.54 16.58
CA GLN A 35 4.85 3.63 17.52
C GLN A 35 4.18 2.25 17.56
N THR A 36 2.97 2.16 17.03
CA THR A 36 2.24 0.89 17.02
C THR A 36 1.96 0.35 15.63
N GLY A 37 2.21 1.15 14.60
CA GLY A 37 2.04 0.67 13.24
C GLY A 37 0.62 0.77 12.71
N ILE A 38 -0.36 0.36 13.50
CA ILE A 38 -1.76 0.48 13.13
C ILE A 38 -2.49 1.23 14.23
N CYS A 39 -3.61 1.84 13.87
CA CYS A 39 -4.51 2.41 14.87
C CYS A 39 -5.92 2.35 14.34
N LYS A 40 -6.88 2.54 15.23
CA LYS A 40 -8.28 2.48 14.86
C LYS A 40 -8.90 3.85 15.09
N VAL A 41 -9.78 4.23 14.18
CA VAL A 41 -10.45 5.52 14.27
C VAL A 41 -11.96 5.33 14.26
N ARG A 42 -12.61 5.78 15.32
CA ARG A 42 -14.06 5.79 15.38
C ARG A 42 -14.57 7.16 15.00
N PRO A 43 -15.30 7.26 13.89
CA PRO A 43 -15.80 8.57 13.46
C PRO A 43 -16.84 9.08 14.45
N PRO A 44 -17.07 10.40 14.46
CA PRO A 44 -18.13 11.01 15.26
C PRO A 44 -19.44 10.30 14.99
N PRO A 45 -20.30 10.17 16.01
CA PRO A 45 -21.52 9.36 15.98
C PRO A 45 -22.43 9.67 14.80
N ASP A 46 -22.43 10.93 14.37
CA ASP A 46 -23.30 11.38 13.30
C ASP A 46 -22.74 11.10 11.91
N TRP A 47 -21.41 11.00 11.80
CA TRP A 47 -20.80 10.65 10.50
C TRP A 47 -21.22 9.24 10.14
N GLN A 48 -22.21 9.13 9.26
CA GLN A 48 -22.79 7.84 8.91
C GLN A 48 -23.11 7.78 7.44
N PRO A 49 -22.14 7.35 6.63
CA PRO A 49 -22.36 7.28 5.19
C PRO A 49 -23.43 6.25 4.89
N PRO A 50 -24.29 6.54 3.92
CA PRO A 50 -25.38 5.59 3.64
C PRO A 50 -24.83 4.40 2.89
N PHE A 51 -25.11 3.20 3.36
N PHE A 51 -25.21 3.20 3.29
CA PHE A 51 -24.79 2.06 2.52
CA PHE A 51 -24.76 1.97 2.63
C PHE A 51 -26.07 1.48 1.96
C PHE A 51 -25.94 1.21 2.01
N ALA A 52 -26.03 1.18 0.68
CA ALA A 52 -27.15 0.54 0.00
C ALA A 52 -26.64 -0.18 -1.24
N CYS A 53 -27.08 -1.42 -1.41
CA CYS A 53 -26.70 -2.22 -2.57
C CYS A 53 -27.74 -3.29 -2.84
N ASP A 54 -27.86 -3.70 -4.11
CA ASP A 54 -28.64 -4.88 -4.45
C ASP A 54 -27.73 -6.09 -4.41
N VAL A 55 -27.91 -6.95 -3.41
CA VAL A 55 -27.02 -8.09 -3.21
C VAL A 55 -27.13 -9.10 -4.33
N ASP A 56 -28.18 -8.99 -5.14
CA ASP A 56 -28.35 -9.92 -6.26
C ASP A 56 -27.69 -9.44 -7.55
N LYS A 57 -27.35 -8.16 -7.63
CA LYS A 57 -26.76 -7.62 -8.84
C LYS A 57 -25.26 -7.39 -8.74
N LEU A 58 -24.73 -7.38 -7.52
CA LEU A 58 -23.30 -7.28 -7.33
C LEU A 58 -22.69 -8.69 -7.44
N HIS A 59 -21.76 -8.86 -8.37
CA HIS A 59 -21.10 -10.15 -8.62
CA HIS A 59 -21.09 -10.14 -8.45
C HIS A 59 -19.58 -9.98 -8.58
N PHE A 60 -18.86 -11.05 -8.22
CA PHE A 60 -17.42 -11.02 -8.28
C PHE A 60 -16.85 -12.43 -8.39
N THR A 61 -15.60 -12.51 -8.85
CA THR A 61 -14.91 -13.79 -8.94
C THR A 61 -14.20 -14.08 -7.63
N PRO A 62 -14.51 -15.21 -6.99
CA PRO A 62 -13.89 -15.47 -5.69
C PRO A 62 -12.45 -15.95 -5.85
N ARG A 63 -11.60 -15.59 -4.91
CA ARG A 63 -10.27 -16.16 -4.81
C ARG A 63 -10.33 -17.23 -3.73
N ILE A 64 -9.47 -18.24 -3.83
CA ILE A 64 -9.51 -19.34 -2.87
C ILE A 64 -8.21 -19.33 -2.08
N GLN A 65 -8.31 -19.73 -0.82
CA GLN A 65 -7.21 -19.60 0.10
C GLN A 65 -7.09 -20.80 1.04
N ARG A 66 -5.94 -21.47 1.02
CA ARG A 66 -5.62 -22.43 2.06
C ARG A 66 -5.12 -21.69 3.29
N LEU A 67 -5.35 -22.26 4.47
CA LEU A 67 -4.99 -21.59 5.71
C LEU A 67 -3.93 -22.37 6.50
N ASN A 68 -2.68 -22.27 6.06
CA ASN A 68 -1.57 -22.95 6.71
C ASN A 68 -0.46 -21.98 7.07
N GLU A 69 -0.11 -21.93 8.36
CA GLU A 69 0.96 -21.06 8.82
C GLU A 69 2.27 -21.38 8.09
N LEU A 70 2.96 -20.32 7.68
CA LEU A 70 4.27 -20.38 7.03
C LEU A 70 4.24 -20.91 5.60
N GLU A 71 3.07 -21.26 5.10
CA GLU A 71 2.94 -21.65 3.70
C GLU A 71 2.98 -20.41 2.81
N ALA A 72 3.68 -20.50 1.68
CA ALA A 72 3.75 -19.38 0.75
C ALA A 72 2.42 -19.17 0.05
N GLN A 73 1.96 -17.92 0.03
CA GLN A 73 0.82 -17.51 -0.78
C GLN A 73 1.28 -16.36 -1.67
N THR A 74 0.65 -16.19 -2.82
CA THR A 74 1.03 -15.12 -3.72
C THR A 74 0.15 -13.91 -3.43
N ARG A 75 0.73 -12.72 -3.50
CA ARG A 75 0.01 -11.48 -3.25
C ARG A 75 -1.09 -11.30 -4.30
N VAL A 76 -2.23 -10.77 -3.86
CA VAL A 76 -3.39 -10.65 -4.75
C VAL A 76 -3.07 -9.87 -6.03
N LYS A 77 -3.40 -10.47 -7.16
CA LYS A 77 -3.17 -9.84 -8.46
C LYS A 77 -4.45 -9.20 -8.98
N LEU A 78 -4.32 -8.01 -9.58
CA LEU A 78 -5.46 -7.31 -10.12
C LEU A 78 -5.98 -8.01 -11.38
N ASP A 85 -17.94 -17.65 -9.88
CA ASP A 85 -18.60 -16.37 -9.70
C ASP A 85 -19.77 -16.41 -8.70
N TYR A 86 -19.71 -15.51 -7.72
CA TYR A 86 -20.76 -15.39 -6.70
C TYR A 86 -21.48 -14.07 -6.88
N THR A 87 -22.76 -13.99 -6.51
CA THR A 87 -23.34 -12.68 -6.21
C THR A 87 -23.02 -12.39 -4.75
N LEU A 88 -23.16 -11.14 -4.34
CA LEU A 88 -22.98 -10.83 -2.92
C LEU A 88 -23.91 -11.70 -2.08
N ARG A 89 -25.13 -11.94 -2.58
CA ARG A 89 -26.04 -12.79 -1.81
C ARG A 89 -25.54 -14.24 -1.69
N THR A 90 -25.15 -14.86 -2.80
CA THR A 90 -24.79 -16.28 -2.74
C THR A 90 -23.45 -16.47 -2.01
N PHE A 91 -22.57 -15.47 -2.05
CA PHE A 91 -21.36 -15.54 -1.25
C PHE A 91 -21.73 -15.46 0.23
N GLY A 92 -22.64 -14.55 0.55
CA GLY A 92 -23.05 -14.37 1.93
C GLY A 92 -23.70 -15.63 2.49
N GLU A 93 -24.49 -16.30 1.67
CA GLU A 93 -25.14 -17.53 2.09
C GLU A 93 -24.09 -18.61 2.36
N MET A 94 -23.15 -18.73 1.44
CA MET A 94 -22.03 -19.66 1.61
C MET A 94 -21.25 -19.34 2.88
N ALA A 95 -20.94 -18.06 3.07
CA ALA A 95 -20.10 -17.62 4.19
C ALA A 95 -20.78 -17.87 5.53
N ASP A 96 -22.07 -17.57 5.61
CA ASP A 96 -22.83 -17.74 6.85
C ASP A 96 -22.98 -19.23 7.19
N ALA A 97 -23.27 -20.03 6.18
CA ALA A 97 -23.43 -21.47 6.39
C ALA A 97 -22.10 -22.08 6.84
N PHE A 98 -21.00 -21.63 6.23
CA PHE A 98 -19.68 -22.12 6.62
C PHE A 98 -19.40 -21.86 8.09
N LYS A 99 -19.60 -20.63 8.53
CA LYS A 99 -19.30 -20.28 9.90
C LYS A 99 -20.22 -21.01 10.87
N SER A 100 -21.50 -21.00 10.52
CA SER A 100 -22.53 -21.65 11.33
C SER A 100 -22.23 -23.15 11.50
N ASP A 101 -21.84 -23.80 10.40
CA ASP A 101 -21.52 -25.23 10.41
C ASP A 101 -20.22 -25.54 11.11
N TYR A 102 -19.23 -24.67 10.92
CA TYR A 102 -17.92 -24.85 11.52
C TYR A 102 -18.01 -24.88 13.03
N PHE A 103 -18.88 -24.06 13.59
CA PHE A 103 -18.96 -23.90 15.04
C PHE A 103 -20.22 -24.54 15.65
N ASN A 104 -21.13 -24.99 14.79
CA ASN A 104 -22.48 -25.40 15.22
C ASN A 104 -23.13 -24.37 16.14
N MET A 105 -23.03 -23.10 15.74
CA MET A 105 -23.60 -22.01 16.50
C MET A 105 -24.20 -20.99 15.54
N PRO A 106 -25.12 -20.15 16.01
CA PRO A 106 -25.44 -19.01 15.16
C PRO A 106 -24.23 -18.08 15.05
N VAL A 107 -24.03 -17.43 13.91
CA VAL A 107 -22.76 -16.74 13.66
C VAL A 107 -22.42 -15.57 14.61
N HIS A 108 -23.42 -14.91 15.17
CA HIS A 108 -23.09 -13.78 16.02
C HIS A 108 -22.95 -14.21 17.45
N MET A 109 -23.31 -15.46 17.75
CA MET A 109 -23.06 -15.91 19.09
C MET A 109 -21.69 -16.52 19.20
N VAL A 110 -20.94 -16.54 18.10
CA VAL A 110 -19.55 -16.96 18.18
C VAL A 110 -18.67 -15.82 18.63
N PRO A 111 -18.10 -15.92 19.85
CA PRO A 111 -17.28 -14.85 20.42
C PRO A 111 -16.07 -14.54 19.55
N THR A 112 -15.73 -13.26 19.42
CA THR A 112 -14.58 -12.89 18.58
C THR A 112 -13.30 -13.52 19.11
N GLU A 113 -13.17 -13.64 20.43
N GLU A 113 -13.19 -13.62 20.44
CA GLU A 113 -11.96 -14.21 21.01
CA GLU A 113 -12.04 -14.22 21.10
C GLU A 113 -11.85 -15.70 20.69
C GLU A 113 -11.87 -15.66 20.66
N LEU A 114 -12.99 -16.35 20.46
CA LEU A 114 -12.97 -17.77 20.09
C LEU A 114 -12.56 -17.94 18.64
N VAL A 115 -13.08 -17.09 17.76
CA VAL A 115 -12.69 -17.18 16.34
C VAL A 115 -11.18 -16.94 16.21
N GLU A 116 -10.67 -15.98 16.96
CA GLU A 116 -9.24 -15.67 16.95
C GLU A 116 -8.42 -16.86 17.43
N LYS A 117 -8.81 -17.41 18.58
CA LYS A 117 -8.16 -18.60 19.14
C LYS A 117 -8.15 -19.74 18.12
N GLU A 118 -9.31 -19.96 17.49
CA GLU A 118 -9.48 -21.08 16.56
C GLU A 118 -8.73 -20.85 15.25
N PHE A 119 -8.65 -19.60 14.81
CA PHE A 119 -7.86 -19.31 13.62
C PHE A 119 -6.42 -19.75 13.87
N TRP A 120 -5.83 -19.36 14.99
CA TRP A 120 -4.42 -19.67 15.21
C TRP A 120 -4.21 -21.16 15.48
N ARG A 121 -5.23 -21.86 15.97
CA ARG A 121 -5.13 -23.32 16.09
C ARG A 121 -5.14 -23.95 14.70
N LEU A 122 -6.10 -23.58 13.88
CA LEU A 122 -6.28 -24.29 12.62
C LEU A 122 -5.14 -24.02 11.63
N VAL A 123 -4.54 -22.84 11.65
CA VAL A 123 -3.46 -22.59 10.70
C VAL A 123 -2.18 -23.32 11.11
N SER A 124 -2.07 -23.69 12.37
CA SER A 124 -0.85 -24.34 12.86
C SER A 124 -0.94 -25.85 12.74
N THR A 125 -2.17 -26.36 12.68
CA THR A 125 -2.40 -27.80 12.71
C THR A 125 -2.34 -28.41 11.31
N ILE A 126 -1.37 -29.28 11.09
CA ILE A 126 -1.10 -29.84 9.77
C ILE A 126 -2.30 -30.61 9.20
N GLU A 127 -2.99 -31.36 10.06
CA GLU A 127 -4.04 -32.25 9.60
C GLU A 127 -5.33 -31.52 9.22
N GLU A 128 -5.52 -30.33 9.78
CA GLU A 128 -6.64 -29.48 9.37
C GLU A 128 -6.37 -28.94 7.97
N ASP A 129 -7.35 -29.05 7.09
CA ASP A 129 -7.22 -28.58 5.71
C ASP A 129 -8.39 -27.66 5.33
N VAL A 130 -8.48 -26.55 6.02
CA VAL A 130 -9.57 -25.59 5.80
C VAL A 130 -9.23 -24.66 4.63
N THR A 131 -10.13 -24.57 3.65
CA THR A 131 -9.99 -23.57 2.61
C THR A 131 -11.20 -22.62 2.65
N VAL A 132 -10.94 -21.36 2.35
CA VAL A 132 -12.01 -20.37 2.35
C VAL A 132 -11.89 -19.53 1.09
N GLU A 133 -12.92 -18.75 0.81
CA GLU A 133 -12.95 -17.91 -0.38
C GLU A 133 -13.17 -16.47 0.03
N TYR A 134 -12.77 -15.53 -0.85
CA TYR A 134 -12.94 -14.12 -0.53
C TYR A 134 -12.94 -13.29 -1.80
N GLY A 135 -13.33 -12.03 -1.67
CA GLY A 135 -13.28 -11.12 -2.79
C GLY A 135 -12.23 -10.05 -2.60
N ALA A 136 -11.54 -9.71 -3.68
CA ALA A 136 -10.58 -8.60 -3.67
C ALA A 136 -10.43 -8.05 -5.07
N ASP A 137 -10.82 -6.79 -5.28
CA ASP A 137 -10.54 -6.10 -6.54
C ASP A 137 -10.88 -4.62 -6.45
N ILE A 138 -10.49 -3.85 -7.47
CA ILE A 138 -10.85 -2.44 -7.51
C ILE A 138 -12.28 -2.31 -7.99
N ALA A 139 -12.91 -1.16 -7.77
CA ALA A 139 -14.31 -0.97 -8.17
C ALA A 139 -14.49 -1.20 -9.66
N SER A 140 -15.65 -1.73 -10.02
CA SER A 140 -15.97 -1.99 -11.42
C SER A 140 -17.47 -1.83 -11.62
N LYS A 141 -17.91 -1.90 -12.86
CA LYS A 141 -19.34 -1.82 -13.16
C LYS A 141 -20.08 -3.00 -12.53
N GLU A 142 -19.36 -4.11 -12.30
CA GLU A 142 -19.94 -5.31 -11.71
C GLU A 142 -20.07 -5.23 -10.19
N PHE A 143 -19.19 -4.45 -9.56
CA PHE A 143 -19.13 -4.32 -8.11
C PHE A 143 -18.44 -2.99 -7.80
N GLY A 144 -19.21 -1.97 -7.43
CA GLY A 144 -18.67 -0.64 -7.23
C GLY A 144 -18.31 -0.30 -5.81
N SER A 145 -17.78 0.92 -5.61
CA SER A 145 -17.44 1.43 -4.29
C SER A 145 -18.62 1.40 -3.31
N GLY A 146 -18.31 1.19 -2.04
CA GLY A 146 -19.33 1.26 -1.01
C GLY A 146 -19.64 2.70 -0.62
N PHE A 147 -18.79 3.64 -1.05
CA PHE A 147 -19.04 5.05 -0.80
C PHE A 147 -19.78 5.67 -1.99
N PRO A 148 -20.48 6.80 -1.76
CA PRO A 148 -21.17 7.48 -2.87
C PRO A 148 -20.16 8.01 -3.87
N VAL A 149 -20.45 7.82 -5.15
CA VAL A 149 -19.66 8.36 -6.24
C VAL A 149 -20.61 9.07 -7.20
N ARG A 150 -20.10 10.01 -7.98
CA ARG A 150 -20.96 10.75 -8.89
C ARG A 150 -21.32 9.92 -10.13
N ASP A 151 -22.60 10.01 -10.50
CA ASP A 151 -23.15 9.31 -11.66
C ASP A 151 -24.51 9.92 -11.98
N ILE A 154 -27.64 7.55 -12.23
CA ILE A 154 -28.13 7.44 -10.86
C ILE A 154 -28.35 8.82 -10.24
N LYS A 155 -29.59 9.11 -9.82
CA LYS A 155 -29.84 10.28 -9.02
C LYS A 155 -29.59 9.94 -7.55
N LEU A 156 -28.75 10.73 -6.91
CA LEU A 156 -28.35 10.46 -5.53
C LEU A 156 -29.34 11.09 -4.56
N SER A 157 -29.52 10.44 -3.41
CA SER A 157 -30.28 11.03 -2.30
C SER A 157 -29.48 12.17 -1.69
N PRO A 158 -30.16 13.09 -0.97
CA PRO A 158 -29.44 14.14 -0.25
C PRO A 158 -28.38 13.57 0.72
N GLU A 159 -28.72 12.47 1.40
CA GLU A 159 -27.78 11.82 2.32
C GLU A 159 -26.51 11.38 1.58
N GLU A 160 -26.68 10.75 0.42
CA GLU A 160 -25.55 10.35 -0.41
C GLU A 160 -24.73 11.54 -0.87
N GLU A 161 -25.42 12.60 -1.29
CA GLU A 161 -24.74 13.80 -1.76
C GLU A 161 -23.87 14.38 -0.65
N GLU A 162 -24.34 14.26 0.58
CA GLU A 162 -23.57 14.77 1.73
C GLU A 162 -22.20 14.12 1.88
N TYR A 163 -22.03 12.90 1.39
CA TYR A 163 -20.77 12.19 1.61
C TYR A 163 -19.91 12.12 0.35
N LEU A 164 -20.38 12.75 -0.74
CA LEU A 164 -19.63 12.73 -1.99
C LEU A 164 -18.23 13.32 -1.84
N ASP A 165 -18.12 14.42 -1.12
CA ASP A 165 -16.86 15.13 -1.07
C ASP A 165 -16.20 15.02 0.29
N SER A 166 -16.62 14.04 1.08
CA SER A 166 -15.98 13.81 2.38
C SER A 166 -14.52 13.45 2.18
N GLY A 167 -13.66 13.98 3.04
CA GLY A 167 -12.26 13.58 3.04
C GLY A 167 -12.10 12.11 3.41
N TRP A 168 -13.09 11.55 4.10
CA TRP A 168 -13.03 10.14 4.52
C TRP A 168 -13.77 9.20 3.57
N ASN A 169 -14.38 9.75 2.52
CA ASN A 169 -14.85 8.95 1.38
C ASN A 169 -13.60 8.53 0.64
N LEU A 170 -13.24 7.24 0.70
CA LEU A 170 -11.94 6.81 0.21
C LEU A 170 -11.72 6.99 -1.29
N ASN A 171 -12.78 7.21 -2.05
CA ASN A 171 -12.60 7.57 -3.46
C ASN A 171 -11.88 8.89 -3.66
N ASN A 172 -12.05 9.79 -2.69
CA ASN A 172 -11.45 11.12 -2.75
C ASN A 172 -9.99 11.17 -2.32
N MET A 173 -9.61 10.29 -1.40
CA MET A 173 -8.29 10.36 -0.78
C MET A 173 -7.15 10.55 -1.78
N PRO A 174 -7.16 9.82 -2.91
CA PRO A 174 -6.12 10.10 -3.89
C PRO A 174 -6.09 11.56 -4.35
N VAL A 175 -7.19 12.02 -4.96
CA VAL A 175 -7.22 13.31 -5.63
C VAL A 175 -7.18 14.54 -4.73
N MET A 176 -6.91 14.38 -3.44
CA MET A 176 -6.90 15.54 -2.55
C MET A 176 -5.53 16.25 -2.47
N GLU A 177 -5.53 17.46 -1.91
CA GLU A 177 -4.38 18.36 -2.01
C GLU A 177 -3.19 17.96 -1.13
N GLN A 178 -3.46 17.41 0.05
CA GLN A 178 -2.39 17.02 0.96
C GLN A 178 -1.89 15.62 0.61
N SER A 179 -2.51 15.02 -0.39
CA SER A 179 -2.07 13.74 -0.91
C SER A 179 -1.01 13.93 -1.99
N VAL A 180 -0.13 12.94 -2.15
CA VAL A 180 1.03 13.07 -3.01
C VAL A 180 0.95 12.08 -4.19
N LEU A 181 0.38 10.90 -3.97
CA LEU A 181 0.07 9.97 -5.07
C LEU A 181 -0.93 10.60 -6.04
N ALA A 182 -1.59 11.65 -5.57
CA ALA A 182 -2.51 12.46 -6.36
C ALA A 182 -1.92 12.88 -7.68
N HIS A 183 -0.72 13.43 -7.62
CA HIS A 183 -0.14 14.14 -8.74
C HIS A 183 0.47 13.20 -9.78
N ILE A 184 0.67 11.94 -9.41
CA ILE A 184 1.22 10.97 -10.34
C ILE A 184 0.34 10.87 -11.58
N THR A 185 0.90 11.23 -12.73
CA THR A 185 0.15 11.21 -13.97
C THR A 185 0.22 9.81 -14.56
N ALA A 186 1.30 9.10 -14.25
CA ALA A 186 1.37 7.67 -14.52
C ALA A 186 0.17 7.00 -13.87
N ASP A 187 -0.50 6.13 -14.61
CA ASP A 187 -1.70 5.52 -14.05
C ASP A 187 -1.39 4.16 -13.43
N ILE A 188 -1.39 4.17 -12.11
CA ILE A 188 -1.07 3.02 -11.29
C ILE A 188 -2.33 2.56 -10.56
N CYS A 189 -3.33 2.18 -11.36
CA CYS A 189 -4.67 1.84 -10.88
C CYS A 189 -4.65 0.95 -9.64
N GLY A 190 -3.89 -0.13 -9.70
CA GLY A 190 -3.76 -1.06 -8.60
C GLY A 190 -3.36 -0.41 -7.30
N MET A 191 -2.61 0.68 -7.37
CA MET A 191 -2.12 1.31 -6.16
C MET A 191 -2.91 2.53 -5.68
N LYS A 192 -3.46 3.32 -6.58
CA LYS A 192 -4.10 4.59 -6.20
C LYS A 192 -5.63 4.49 -6.06
N LEU A 193 -6.22 3.45 -6.65
CA LEU A 193 -7.68 3.28 -6.56
C LEU A 193 -8.02 2.44 -5.35
N PRO A 194 -9.22 2.63 -4.77
CA PRO A 194 -9.61 1.78 -3.63
C PRO A 194 -9.86 0.35 -4.05
N TRP A 195 -9.53 -0.57 -3.14
CA TRP A 195 -9.83 -1.99 -3.31
C TRP A 195 -11.05 -2.33 -2.47
N LEU A 196 -11.87 -3.24 -2.99
CA LEU A 196 -13.07 -3.72 -2.32
C LEU A 196 -12.82 -5.15 -1.86
N TYR A 197 -13.17 -5.43 -0.61
CA TYR A 197 -12.89 -6.72 0.00
C TYR A 197 -14.12 -7.36 0.62
N VAL A 198 -14.61 -8.44 0.03
CA VAL A 198 -15.70 -9.20 0.61
C VAL A 198 -15.08 -10.34 1.41
N GLY A 199 -15.32 -10.36 2.73
CA GLY A 199 -14.68 -11.34 3.59
C GLY A 199 -15.62 -12.41 4.09
N MET A 200 -15.04 -13.52 4.55
CA MET A 200 -15.81 -14.54 5.28
C MET A 200 -14.95 -15.00 6.46
N CYS A 201 -15.55 -15.77 7.36
CA CYS A 201 -14.85 -16.27 8.53
C CYS A 201 -13.53 -16.95 8.14
N PHE A 202 -12.45 -16.46 8.75
CA PHE A 202 -11.07 -16.94 8.59
C PHE A 202 -10.37 -16.46 7.31
N SER A 203 -11.06 -15.83 6.36
CA SER A 203 -10.36 -15.38 5.16
C SER A 203 -9.37 -14.32 5.64
N SER A 204 -8.14 -14.39 5.15
N SER A 204 -8.14 -14.39 5.12
CA SER A 204 -7.10 -13.64 5.82
CA SER A 204 -7.02 -13.76 5.80
C SER A 204 -6.17 -12.93 4.85
C SER A 204 -6.12 -12.97 4.85
N PHE A 205 -5.51 -11.90 5.37
CA PHE A 205 -4.48 -11.20 4.60
C PHE A 205 -3.16 -11.45 5.30
N CYS A 206 -2.19 -11.96 4.52
CA CYS A 206 -0.87 -12.29 5.04
C CYS A 206 -0.05 -11.06 5.44
N TRP A 207 0.98 -11.27 6.23
CA TRP A 207 1.89 -10.20 6.62
C TRP A 207 2.46 -9.48 5.40
N HIS A 208 2.32 -8.17 5.40
CA HIS A 208 2.86 -7.38 4.30
C HIS A 208 2.98 -5.93 4.71
N ILE A 209 3.73 -5.18 3.92
CA ILE A 209 3.69 -3.72 3.96
C ILE A 209 3.22 -3.22 2.59
N GLU A 210 2.81 -1.96 2.54
CA GLU A 210 2.27 -1.41 1.29
C GLU A 210 3.39 -1.08 0.32
N ASP A 211 3.06 -1.11 -0.97
CA ASP A 211 4.01 -0.71 -2.00
C ASP A 211 4.51 0.72 -1.72
N HIS A 212 5.81 0.94 -1.95
CA HIS A 212 6.49 2.21 -1.66
C HIS A 212 6.34 2.72 -0.24
N TRP A 213 6.11 1.78 0.70
CA TRP A 213 5.93 2.12 2.13
C TRP A 213 4.85 3.16 2.36
N SER A 214 3.81 3.12 1.55
CA SER A 214 2.73 4.09 1.72
C SER A 214 1.89 3.84 2.98
N TYR A 215 1.10 4.83 3.35
CA TYR A 215 0.02 4.62 4.30
C TYR A 215 -1.08 3.77 3.67
N SER A 216 -1.95 3.18 4.49
CA SER A 216 -3.23 2.73 3.96
C SER A 216 -4.31 3.06 4.99
N ILE A 217 -5.52 3.16 4.47
CA ILE A 217 -6.69 3.39 5.31
C ILE A 217 -7.79 2.44 4.86
N ASN A 218 -8.48 1.91 5.84
N ASN A 218 -8.43 1.77 5.81
CA ASN A 218 -9.37 0.79 5.67
CA ASN A 218 -9.39 0.69 5.53
C ASN A 218 -10.70 1.06 6.34
C ASN A 218 -10.67 1.01 6.29
N TYR A 219 -11.78 1.01 5.58
CA TYR A 219 -13.09 1.23 6.19
C TYR A 219 -13.94 -0.03 6.11
N LEU A 220 -14.48 -0.45 7.25
CA LEU A 220 -15.40 -1.57 7.24
C LEU A 220 -16.84 -1.07 7.11
N HIS A 221 -17.42 -1.25 5.94
CA HIS A 221 -18.74 -0.71 5.62
C HIS A 221 -19.80 -1.40 6.44
N TRP A 222 -19.80 -2.73 6.38
N TRP A 222 -19.65 -2.71 6.52
CA TRP A 222 -20.79 -3.51 7.12
CA TRP A 222 -20.70 -3.54 7.03
C TRP A 222 -20.34 -4.94 7.34
C TRP A 222 -20.17 -4.90 7.47
N GLY A 223 -20.90 -5.56 8.38
CA GLY A 223 -20.66 -6.97 8.65
C GLY A 223 -19.95 -7.24 9.94
N GLU A 224 -19.51 -8.49 10.08
CA GLU A 224 -18.77 -8.92 11.26
C GLU A 224 -17.36 -8.34 11.25
N PRO A 225 -16.72 -8.26 12.43
CA PRO A 225 -15.45 -7.55 12.54
C PRO A 225 -14.29 -8.13 11.74
N LYS A 226 -13.26 -7.29 11.61
CA LYS A 226 -12.00 -7.68 10.99
C LYS A 226 -10.94 -7.56 12.05
N THR A 227 -10.20 -8.64 12.26
CA THR A 227 -9.18 -8.70 13.29
C THR A 227 -7.83 -8.37 12.65
N TRP A 228 -7.12 -7.43 13.25
CA TRP A 228 -5.84 -6.95 12.72
C TRP A 228 -4.67 -7.20 13.65
N TYR A 229 -3.49 -7.42 13.08
CA TYR A 229 -2.26 -7.36 13.82
C TYR A 229 -1.34 -6.38 13.13
N GLY A 230 -0.66 -5.54 13.90
CA GLY A 230 0.24 -4.55 13.32
C GLY A 230 1.56 -4.42 14.04
N VAL A 231 2.58 -4.04 13.28
CA VAL A 231 3.93 -3.85 13.81
C VAL A 231 4.40 -2.45 13.41
N PRO A 232 5.00 -1.69 14.33
CA PRO A 232 5.48 -0.35 13.97
C PRO A 232 6.59 -0.39 12.91
N GLY A 233 6.66 0.65 12.10
CA GLY A 233 7.67 0.72 11.06
C GLY A 233 9.10 0.57 11.55
N TYR A 234 9.39 0.99 12.78
CA TYR A 234 10.76 0.91 13.27
C TYR A 234 11.22 -0.54 13.44
N ALA A 235 10.28 -1.47 13.47
CA ALA A 235 10.60 -2.89 13.68
C ALA A 235 10.47 -3.74 12.43
N ALA A 236 10.30 -3.10 11.27
CA ALA A 236 10.15 -3.82 10.00
C ALA A 236 11.31 -4.80 9.74
N GLU A 237 12.54 -4.32 9.89
CA GLU A 237 13.70 -5.17 9.65
C GLU A 237 13.76 -6.32 10.65
N GLN A 238 13.40 -6.05 11.90
CA GLN A 238 13.33 -7.12 12.91
C GLN A 238 12.38 -8.22 12.45
N LEU A 239 11.21 -7.84 11.96
CA LEU A 239 10.21 -8.80 11.54
C LEU A 239 10.72 -9.63 10.38
N GLU A 240 11.36 -8.96 9.44
CA GLU A 240 11.82 -9.62 8.23
C GLU A 240 12.90 -10.65 8.56
N ASN A 241 13.74 -10.32 9.52
CA ASN A 241 14.78 -11.26 9.95
C ASN A 241 14.17 -12.51 10.59
N VAL A 242 13.08 -12.33 11.32
CA VAL A 242 12.38 -13.46 11.92
C VAL A 242 11.74 -14.32 10.84
N MET A 243 11.09 -13.66 9.89
CA MET A 243 10.51 -14.34 8.75
C MET A 243 11.53 -15.11 7.92
N LYS A 244 12.72 -14.54 7.75
CA LYS A 244 13.68 -15.18 6.87
C LYS A 244 14.25 -16.44 7.53
N LYS A 245 14.31 -16.44 8.85
CA LYS A 245 14.81 -17.62 9.53
C LYS A 245 13.77 -18.74 9.53
N LEU A 246 12.48 -18.37 9.62
CA LEU A 246 11.41 -19.36 9.70
C LEU A 246 10.76 -19.69 8.36
N ALA A 247 10.81 -18.79 7.39
CA ALA A 247 10.20 -19.03 6.08
C ALA A 247 11.04 -18.48 4.92
N PRO A 248 12.22 -19.05 4.69
CA PRO A 248 13.21 -18.53 3.72
C PRO A 248 12.69 -18.44 2.29
N GLU A 249 11.75 -19.31 1.94
CA GLU A 249 11.20 -19.39 0.59
C GLU A 249 10.54 -18.09 0.15
N LEU A 250 10.14 -17.28 1.12
CA LEU A 250 9.50 -15.99 0.83
C LEU A 250 10.50 -14.99 0.29
N PHE A 251 11.78 -15.30 0.44
CA PHE A 251 12.82 -14.30 0.19
C PHE A 251 13.67 -14.60 -1.04
N VAL A 252 13.32 -15.64 -1.78
CA VAL A 252 13.99 -15.91 -3.05
C VAL A 252 13.58 -14.84 -4.06
N SER A 253 14.49 -14.49 -4.98
CA SER A 253 14.21 -13.48 -5.99
C SER A 253 13.05 -13.91 -6.88
N GLN A 254 12.28 -12.94 -7.34
CA GLN A 254 11.11 -13.25 -8.16
C GLN A 254 11.11 -12.42 -9.44
N PRO A 255 10.61 -13.01 -10.55
CA PRO A 255 10.63 -12.40 -11.88
C PRO A 255 9.95 -11.03 -11.95
N ASP A 256 8.94 -10.80 -11.12
CA ASP A 256 8.19 -9.55 -11.19
C ASP A 256 7.37 -9.24 -9.93
N LEU A 257 6.54 -8.20 -10.02
CA LEU A 257 5.72 -7.76 -8.90
C LEU A 257 4.49 -8.65 -8.70
N LEU A 258 4.05 -9.30 -9.76
CA LEU A 258 2.90 -10.19 -9.70
C LEU A 258 3.28 -11.57 -9.16
N HIS A 259 4.41 -11.63 -8.48
CA HIS A 259 4.92 -12.91 -8.00
C HIS A 259 5.44 -12.83 -6.56
N GLN A 260 5.11 -11.75 -5.86
CA GLN A 260 5.51 -11.59 -4.47
C GLN A 260 4.91 -12.72 -3.62
N LEU A 261 5.69 -13.20 -2.67
CA LEU A 261 5.22 -14.26 -1.78
C LEU A 261 5.02 -13.71 -0.37
N VAL A 262 3.93 -14.12 0.26
CA VAL A 262 3.60 -13.67 1.61
C VAL A 262 3.10 -14.85 2.44
N THR A 263 3.01 -14.68 3.76
CA THR A 263 2.57 -15.80 4.58
C THR A 263 1.82 -15.43 5.86
N ILE A 264 1.11 -16.43 6.38
CA ILE A 264 0.50 -16.38 7.69
C ILE A 264 1.52 -16.72 8.76
N MET A 265 1.59 -15.92 9.81
CA MET A 265 2.47 -16.23 10.94
C MET A 265 1.90 -15.72 12.25
N ASN A 266 1.87 -16.61 13.24
CA ASN A 266 1.36 -16.28 14.56
C ASN A 266 2.06 -15.08 15.17
N PRO A 267 1.28 -14.06 15.59
CA PRO A 267 1.95 -12.91 16.22
C PRO A 267 2.72 -13.27 17.48
N ASN A 268 2.35 -14.36 18.17
CA ASN A 268 3.11 -14.75 19.36
C ASN A 268 4.53 -15.14 19.00
N THR A 269 4.71 -15.67 17.79
CA THR A 269 6.04 -16.04 17.31
C THR A 269 6.89 -14.80 17.15
N LEU A 270 6.31 -13.74 16.58
CA LEU A 270 7.02 -12.47 16.48
C LEU A 270 7.34 -11.89 17.85
N MET A 271 6.35 -11.91 18.75
CA MET A 271 6.50 -11.41 20.10
C MET A 271 7.58 -12.16 20.88
N THR A 272 7.69 -13.45 20.61
CA THR A 272 8.73 -14.28 21.23
C THR A 272 10.11 -13.81 20.79
N HIS A 273 10.20 -13.32 19.56
CA HIS A 273 11.46 -12.84 19.02
C HIS A 273 11.61 -11.34 19.18
N GLU A 274 10.90 -10.77 20.16
CA GLU A 274 11.05 -9.38 20.57
C GLU A 274 10.55 -8.37 19.54
N VAL A 275 9.68 -8.82 18.63
CA VAL A 275 9.00 -7.88 17.73
C VAL A 275 7.71 -7.39 18.36
N PRO A 276 7.56 -6.07 18.51
CA PRO A 276 6.32 -5.52 19.08
C PRO A 276 5.15 -5.70 18.14
N VAL A 277 4.07 -6.28 18.63
CA VAL A 277 2.86 -6.50 17.84
C VAL A 277 1.65 -5.93 18.57
N TYR A 278 0.75 -5.28 17.85
CA TYR A 278 -0.51 -4.79 18.42
C TYR A 278 -1.68 -5.40 17.67
N ARG A 279 -2.84 -5.42 18.30
CA ARG A 279 -4.02 -6.00 17.67
C ARG A 279 -5.21 -5.06 17.77
N THR A 280 -6.23 -5.33 16.97
CA THR A 280 -7.51 -4.70 17.17
C THR A 280 -8.59 -5.48 16.45
N ASN A 281 -9.81 -5.37 16.94
CA ASN A 281 -10.98 -5.80 16.21
C ASN A 281 -11.64 -4.56 15.61
N GLN A 282 -11.59 -4.46 14.29
CA GLN A 282 -12.27 -3.39 13.57
C GLN A 282 -13.72 -3.75 13.33
N CYS A 283 -14.64 -3.00 13.91
CA CYS A 283 -16.07 -3.22 13.68
C CYS A 283 -16.63 -2.35 12.56
N ALA A 284 -17.82 -2.72 12.07
CA ALA A 284 -18.48 -1.96 11.02
C ALA A 284 -18.58 -0.48 11.40
N GLY A 285 -18.25 0.39 10.45
CA GLY A 285 -18.24 1.82 10.70
C GLY A 285 -16.94 2.39 11.25
N GLU A 286 -15.91 1.55 11.39
CA GLU A 286 -14.63 2.02 11.92
C GLU A 286 -13.52 1.96 10.88
N PHE A 287 -12.56 2.85 11.04
CA PHE A 287 -11.39 2.88 10.18
C PHE A 287 -10.21 2.25 10.85
N VAL A 288 -9.36 1.59 10.07
CA VAL A 288 -8.02 1.25 10.52
C VAL A 288 -7.04 1.99 9.61
N ILE A 289 -6.02 2.60 10.19
CA ILE A 289 -4.98 3.27 9.42
C ILE A 289 -3.64 2.58 9.65
N THR A 290 -2.92 2.27 8.57
CA THR A 290 -1.58 1.70 8.73
C THR A 290 -0.55 2.74 8.30
N PHE A 291 0.56 2.80 9.03
CA PHE A 291 1.59 3.83 8.82
C PHE A 291 2.73 3.29 7.94
N PRO A 292 3.59 4.20 7.42
CA PRO A 292 4.65 3.73 6.51
C PRO A 292 5.52 2.62 7.08
N ARG A 293 5.68 1.58 6.27
CA ARG A 293 6.52 0.41 6.57
C ARG A 293 6.04 -0.38 7.79
N ALA A 294 4.77 -0.22 8.15
CA ALA A 294 4.15 -0.96 9.25
C ALA A 294 3.59 -2.29 8.74
N TYR A 295 4.20 -3.39 9.15
CA TYR A 295 3.71 -4.69 8.75
C TYR A 295 2.34 -4.94 9.37
N HIS A 296 1.47 -5.59 8.62
CA HIS A 296 0.18 -5.95 9.20
C HIS A 296 -0.37 -7.20 8.56
N SER A 297 -1.27 -7.87 9.29
CA SER A 297 -1.92 -9.07 8.84
C SER A 297 -3.25 -9.18 9.59
N GLY A 298 -4.08 -10.12 9.21
CA GLY A 298 -5.33 -10.29 9.95
C GLY A 298 -6.27 -11.23 9.27
N PHE A 299 -7.51 -11.28 9.76
CA PHE A 299 -8.49 -12.17 9.20
C PHE A 299 -9.88 -11.65 9.56
N ASN A 300 -10.87 -12.09 8.80
CA ASN A 300 -12.25 -11.70 9.02
C ASN A 300 -12.95 -12.64 10.00
N GLN A 301 -13.81 -12.07 10.84
CA GLN A 301 -14.57 -12.85 11.80
C GLN A 301 -15.78 -13.52 11.16
N GLY A 302 -16.16 -13.02 9.99
CA GLY A 302 -17.33 -13.54 9.30
C GLY A 302 -17.61 -12.72 8.06
N PHE A 303 -18.80 -12.89 7.49
CA PHE A 303 -19.22 -12.20 6.26
C PHE A 303 -19.18 -10.70 6.47
N ASN A 304 -18.40 -10.00 5.63
CA ASN A 304 -18.29 -8.54 5.76
C ASN A 304 -17.82 -7.88 4.47
N PHE A 305 -17.74 -6.55 4.46
CA PHE A 305 -17.36 -5.82 3.24
C PHE A 305 -16.56 -4.58 3.63
N ALA A 306 -15.33 -4.51 3.13
CA ALA A 306 -14.42 -3.43 3.51
C ALA A 306 -13.92 -2.76 2.23
N GLU A 307 -13.41 -1.54 2.41
CA GLU A 307 -12.87 -0.77 1.30
C GLU A 307 -11.62 -0.08 1.80
N ALA A 308 -10.57 -0.09 1.00
CA ALA A 308 -9.32 0.44 1.47
C ALA A 308 -8.56 1.13 0.35
N VAL A 309 -7.68 2.04 0.73
CA VAL A 309 -6.86 2.73 -0.27
C VAL A 309 -5.50 3.13 0.30
N ASN A 310 -4.49 3.14 -0.56
CA ASN A 310 -3.19 3.67 -0.19
C ASN A 310 -3.16 5.17 -0.31
N PHE A 311 -2.33 5.82 0.49
CA PHE A 311 -2.08 7.24 0.31
C PHE A 311 -0.73 7.63 0.87
N CYS A 312 -0.29 8.81 0.48
CA CYS A 312 1.02 9.31 0.83
C CYS A 312 0.92 10.78 1.20
N THR A 313 1.26 11.09 2.44
CA THR A 313 1.29 12.45 2.95
C THR A 313 2.67 13.05 2.71
N VAL A 314 2.84 14.33 3.04
CA VAL A 314 4.15 14.99 2.93
C VAL A 314 5.17 14.39 3.89
N ASP A 315 4.71 13.96 5.05
CA ASP A 315 5.55 13.27 6.02
C ASP A 315 6.25 12.06 5.37
N TRP A 316 5.59 11.45 4.40
CA TRP A 316 6.05 10.20 3.81
C TRP A 316 7.17 10.38 2.77
N LEU A 317 7.27 11.57 2.16
CA LEU A 317 8.23 11.76 1.06
C LEU A 317 9.65 11.22 1.31
N PRO A 318 10.29 11.57 2.45
CA PRO A 318 11.64 11.01 2.67
C PRO A 318 11.65 9.50 2.74
N LEU A 319 10.58 8.91 3.29
CA LEU A 319 10.48 7.47 3.39
C LEU A 319 10.28 6.83 2.03
N GLY A 320 9.54 7.52 1.17
CA GLY A 320 9.38 7.06 -0.20
C GLY A 320 10.72 6.95 -0.92
N ARG A 321 11.57 7.95 -0.73
CA ARG A 321 12.90 7.95 -1.34
C ARG A 321 13.71 6.78 -0.78
N GLN A 322 13.62 6.58 0.53
N GLN A 322 13.65 6.58 0.54
CA GLN A 322 14.35 5.51 1.20
CA GLN A 322 14.37 5.48 1.18
C GLN A 322 13.85 4.13 0.77
C GLN A 322 13.87 4.13 0.67
N CYS A 323 12.56 4.03 0.46
CA CYS A 323 11.99 2.78 -0.01
C CYS A 323 12.54 2.38 -1.38
N VAL A 324 12.68 3.34 -2.29
CA VAL A 324 13.13 3.02 -3.64
C VAL A 324 14.60 2.61 -3.59
N GLU A 325 15.34 3.24 -2.68
CA GLU A 325 16.72 2.83 -2.43
C GLU A 325 16.73 1.36 -1.97
N HIS A 326 15.85 1.03 -1.04
CA HIS A 326 15.73 -0.33 -0.51
C HIS A 326 15.33 -1.32 -1.61
N TYR A 327 14.37 -0.95 -2.47
CA TYR A 327 14.01 -1.78 -3.60
C TYR A 327 15.21 -2.07 -4.50
N ARG A 328 16.05 -1.04 -4.69
CA ARG A 328 17.22 -1.20 -5.56
C ARG A 328 18.18 -2.24 -5.00
N LEU A 329 18.42 -2.15 -3.70
CA LEU A 329 19.28 -3.12 -3.02
C LEU A 329 18.73 -4.54 -3.12
N LEU A 330 17.41 -4.67 -3.13
CA LEU A 330 16.75 -5.97 -3.22
C LEU A 330 16.50 -6.42 -4.65
N HIS A 331 16.72 -5.53 -5.62
CA HIS A 331 16.37 -5.78 -7.03
C HIS A 331 14.88 -6.02 -7.20
N ARG A 332 14.09 -5.26 -6.46
CA ARG A 332 12.64 -5.30 -6.54
C ARG A 332 12.07 -4.25 -7.50
N TYR A 333 11.06 -4.62 -8.27
CA TYR A 333 10.40 -3.67 -9.16
C TYR A 333 9.67 -2.57 -8.39
N CYS A 334 9.61 -1.39 -9.01
CA CYS A 334 8.89 -0.24 -8.47
C CYS A 334 7.51 -0.17 -9.07
N VAL A 335 6.57 0.41 -8.33
CA VAL A 335 5.26 0.64 -8.90
C VAL A 335 5.28 1.92 -9.75
N PHE A 336 6.04 2.91 -9.29
CA PHE A 336 6.21 4.13 -10.06
C PHE A 336 7.61 4.70 -9.79
N SER A 337 8.00 5.70 -10.58
CA SER A 337 9.22 6.42 -10.29
C SER A 337 8.99 7.55 -9.29
N HIS A 338 9.67 7.48 -8.15
CA HIS A 338 9.57 8.49 -7.11
C HIS A 338 10.07 9.85 -7.63
N ASP A 339 11.20 9.81 -8.32
CA ASP A 339 11.77 11.04 -8.88
C ASP A 339 10.84 11.66 -9.92
N GLU A 340 10.19 10.82 -10.72
CA GLU A 340 9.25 11.36 -11.70
C GLU A 340 8.10 12.09 -11.01
N MET A 341 7.62 11.51 -9.91
CA MET A 341 6.58 12.15 -9.13
C MET A 341 7.01 13.51 -8.58
N ILE A 342 8.21 13.54 -8.00
CA ILE A 342 8.79 14.78 -7.50
C ILE A 342 8.88 15.84 -8.60
N CYS A 343 9.41 15.46 -9.77
CA CYS A 343 9.58 16.44 -10.85
C CYS A 343 8.23 16.89 -11.41
N LYS A 344 7.27 15.98 -11.47
CA LYS A 344 5.92 16.36 -11.89
C LYS A 344 5.33 17.42 -10.95
N MET A 345 5.49 17.22 -9.65
CA MET A 345 5.02 18.21 -8.68
C MET A 345 5.77 19.56 -8.81
N ALA A 346 7.08 19.51 -8.99
CA ALA A 346 7.85 20.75 -9.19
C ALA A 346 7.37 21.51 -10.42
N SER A 347 7.02 20.78 -11.48
CA SER A 347 6.55 21.38 -12.72
C SER A 347 5.16 22.01 -12.54
N LYS A 348 4.51 21.72 -11.43
CA LYS A 348 3.20 22.28 -11.11
C LYS A 348 3.27 23.13 -9.84
N ALA A 349 4.44 23.70 -9.57
CA ALA A 349 4.70 24.36 -8.30
C ALA A 349 3.68 25.46 -7.98
N ASP A 350 3.25 26.18 -9.02
CA ASP A 350 2.33 27.30 -8.81
C ASP A 350 0.96 26.87 -8.26
N VAL A 351 0.57 25.63 -8.45
CA VAL A 351 -0.75 25.21 -7.97
C VAL A 351 -0.69 24.25 -6.78
N LEU A 352 0.52 23.98 -6.30
CA LEU A 352 0.68 23.11 -5.13
C LEU A 352 0.28 23.79 -3.84
N ASP A 353 -0.29 23.00 -2.94
CA ASP A 353 -0.43 23.42 -1.54
C ASP A 353 0.94 23.87 -1.05
N VAL A 354 0.99 24.91 -0.23
CA VAL A 354 2.28 25.52 0.11
C VAL A 354 3.14 24.67 1.07
N VAL A 355 2.50 23.88 1.94
CA VAL A 355 3.27 22.98 2.80
C VAL A 355 3.81 21.81 1.96
N VAL A 356 3.00 21.39 0.99
CA VAL A 356 3.43 20.36 0.06
C VAL A 356 4.65 20.86 -0.70
N ALA A 357 4.57 22.08 -1.24
CA ALA A 357 5.68 22.66 -1.98
C ALA A 357 6.95 22.68 -1.14
N SER A 358 6.81 23.06 0.12
CA SER A 358 7.95 23.15 1.02
C SER A 358 8.64 21.78 1.21
N THR A 359 7.82 20.75 1.39
CA THR A 359 8.35 19.41 1.63
C THR A 359 8.92 18.79 0.34
N VAL A 360 8.25 19.03 -0.78
CA VAL A 360 8.77 18.54 -2.06
C VAL A 360 10.13 19.18 -2.35
N GLN A 361 10.26 20.47 -2.02
CA GLN A 361 11.51 21.19 -2.25
C GLN A 361 12.69 20.52 -1.52
N LYS A 362 12.45 20.10 -0.29
CA LYS A 362 13.50 19.44 0.50
C LYS A 362 13.92 18.10 -0.09
N ASP A 363 12.96 17.31 -0.56
CA ASP A 363 13.27 16.04 -1.20
C ASP A 363 13.98 16.26 -2.53
N MET A 364 13.51 17.26 -3.27
CA MET A 364 14.13 17.61 -4.54
C MET A 364 15.59 17.99 -4.36
N ALA A 365 15.91 18.70 -3.28
CA ALA A 365 17.30 19.11 -3.05
C ALA A 365 18.19 17.90 -2.87
N ILE A 366 17.68 16.89 -2.16
CA ILE A 366 18.42 15.67 -1.94
C ILE A 366 18.60 14.93 -3.25
N MET A 367 17.53 14.87 -4.02
CA MET A 367 17.55 14.22 -5.33
C MET A 367 18.62 14.84 -6.22
N ILE A 368 18.64 16.17 -6.22
CA ILE A 368 19.56 16.87 -7.12
C ILE A 368 21.01 16.62 -6.69
N GLU A 369 21.28 16.71 -5.40
CA GLU A 369 22.64 16.47 -4.94
C GLU A 369 23.08 15.03 -5.19
N ASP A 370 22.19 14.06 -5.00
CA ASP A 370 22.50 12.67 -5.31
C ASP A 370 22.77 12.48 -6.80
N GLU A 371 21.98 13.15 -7.63
CA GLU A 371 22.10 13.01 -9.07
C GLU A 371 23.42 13.62 -9.55
N LYS A 372 23.77 14.76 -8.96
CA LYS A 372 25.01 15.43 -9.31
C LYS A 372 26.19 14.50 -9.06
N ALA A 373 26.22 13.87 -7.88
CA ALA A 373 27.30 12.97 -7.53
C ALA A 373 27.36 11.74 -8.43
N LEU A 374 26.21 11.15 -8.75
CA LEU A 374 26.16 9.98 -9.62
C LEU A 374 26.67 10.31 -11.03
N ARG A 375 26.31 11.48 -11.54
CA ARG A 375 26.75 11.85 -12.88
C ARG A 375 28.27 12.08 -12.90
N GLU A 376 28.80 12.62 -11.81
CA GLU A 376 30.25 12.82 -11.74
C GLU A 376 30.98 11.48 -11.75
N THR A 377 30.41 10.51 -11.04
CA THR A 377 30.99 9.17 -10.99
C THR A 377 30.98 8.46 -12.34
N VAL A 378 29.87 8.56 -13.08
CA VAL A 378 29.83 7.85 -14.34
C VAL A 378 30.70 8.57 -15.40
N ARG A 379 30.87 9.88 -15.27
CA ARG A 379 31.80 10.60 -16.15
C ARG A 379 33.22 10.08 -15.92
N LYS A 380 33.55 9.84 -14.66
CA LYS A 380 34.89 9.33 -14.32
C LYS A 380 35.11 7.91 -14.78
N LEU A 381 34.03 7.18 -15.07
CA LEU A 381 34.12 5.82 -15.60
C LEU A 381 34.31 5.80 -17.10
N GLY A 382 34.24 6.98 -17.72
CA GLY A 382 34.54 7.11 -19.14
C GLY A 382 33.32 7.28 -20.02
N VAL A 383 32.15 7.43 -19.42
CA VAL A 383 30.96 7.74 -20.22
C VAL A 383 30.96 9.22 -20.54
N ILE A 384 31.05 9.53 -21.83
CA ILE A 384 31.20 10.92 -22.25
C ILE A 384 30.00 11.45 -23.03
N ASP A 385 29.52 10.66 -23.99
CA ASP A 385 28.41 11.09 -24.81
C ASP A 385 27.13 11.13 -23.96
N SER A 386 26.21 12.01 -24.32
CA SER A 386 24.95 12.12 -23.57
C SER A 386 23.86 12.62 -24.50
N GLU A 387 22.60 12.36 -24.13
CA GLU A 387 21.48 12.91 -24.87
C GLU A 387 20.28 13.00 -23.95
N ARG A 388 19.49 14.05 -24.08
CA ARG A 388 18.27 14.17 -23.31
C ARG A 388 17.32 13.04 -23.69
N MET A 389 16.59 12.52 -22.71
CA MET A 389 15.64 11.45 -22.97
C MET A 389 14.40 11.63 -22.10
N ASP A 390 13.22 11.63 -22.72
CA ASP A 390 11.96 11.81 -22.00
C ASP A 390 11.48 10.48 -21.43
N PHE A 391 12.11 10.05 -20.34
CA PHE A 391 11.81 8.75 -19.73
C PHE A 391 10.33 8.51 -19.48
N GLU A 392 9.59 9.56 -19.15
CA GLU A 392 8.19 9.38 -18.77
C GLU A 392 7.34 8.84 -19.92
N LEU A 393 7.85 8.93 -21.15
CA LEU A 393 7.14 8.45 -22.33
C LEU A 393 7.27 6.92 -22.49
N LEU A 394 8.30 6.36 -21.90
CA LEU A 394 8.55 4.92 -22.05
C LEU A 394 7.67 4.12 -21.10
N PRO A 395 7.08 3.04 -21.62
CA PRO A 395 6.42 2.07 -20.75
C PRO A 395 7.39 1.64 -19.65
N ASP A 396 6.90 1.40 -18.44
CA ASP A 396 7.76 1.04 -17.32
C ASP A 396 8.71 -0.11 -17.62
N ASP A 397 8.23 -1.13 -18.30
CA ASP A 397 9.06 -2.30 -18.55
C ASP A 397 10.10 -2.03 -19.63
N GLU A 398 10.06 -0.84 -20.20
CA GLU A 398 11.09 -0.44 -21.14
C GLU A 398 12.11 0.53 -20.51
N ARG A 399 11.97 0.80 -19.22
CA ARG A 399 12.97 1.66 -18.57
C ARG A 399 13.36 1.17 -17.18
N GLN A 400 13.44 -0.14 -17.02
CA GLN A 400 13.98 -0.71 -15.80
C GLN A 400 15.46 -1.05 -15.93
N CYS A 401 16.20 -0.76 -14.87
CA CYS A 401 17.62 -1.11 -14.83
C CYS A 401 17.79 -2.62 -14.97
N VAL A 402 18.56 -3.04 -15.96
CA VAL A 402 18.77 -4.47 -16.21
C VAL A 402 19.20 -5.23 -14.93
N LYS A 403 19.97 -4.56 -14.08
CA LYS A 403 20.50 -5.19 -12.87
C LYS A 403 19.55 -5.13 -11.68
N CYS A 404 19.13 -3.94 -11.27
CA CYS A 404 18.42 -3.79 -10.00
C CYS A 404 16.92 -3.55 -10.19
N LYS A 405 16.49 -3.48 -11.46
CA LYS A 405 15.08 -3.34 -11.87
C LYS A 405 14.42 -2.00 -11.50
N THR A 406 15.19 -1.04 -11.02
CA THR A 406 14.60 0.25 -10.64
C THR A 406 14.04 0.94 -11.87
N THR A 407 12.97 1.73 -11.69
CA THR A 407 12.37 2.44 -12.81
C THR A 407 13.19 3.71 -13.02
N CYS A 408 13.82 3.83 -14.19
CA CYS A 408 14.67 4.99 -14.42
C CYS A 408 13.83 6.25 -14.75
N PHE A 409 14.35 7.41 -14.36
CA PHE A 409 13.72 8.66 -14.77
C PHE A 409 14.73 9.79 -14.85
N MET A 410 15.50 10.03 -13.78
CA MET A 410 16.47 11.13 -13.83
C MET A 410 17.54 10.86 -14.88
N SER A 411 18.00 9.62 -14.97
CA SER A 411 19.06 9.27 -15.91
C SER A 411 19.26 7.76 -16.01
N ALA A 412 19.93 7.34 -17.07
CA ALA A 412 20.29 5.95 -17.29
C ALA A 412 21.44 5.87 -18.28
N ILE A 413 22.04 4.70 -18.38
CA ILE A 413 23.08 4.46 -19.38
C ILE A 413 22.57 3.50 -20.43
N SER A 414 22.84 3.80 -21.70
CA SER A 414 22.47 2.94 -22.82
C SER A 414 23.71 2.65 -23.65
N CYS A 415 23.61 1.65 -24.50
CA CYS A 415 24.68 1.32 -25.44
C CYS A 415 24.08 0.73 -26.71
N SER A 416 24.53 1.21 -27.87
CA SER A 416 24.01 0.78 -29.16
C SER A 416 24.23 -0.71 -29.39
N CYS A 417 25.20 -1.27 -28.68
CA CYS A 417 25.42 -2.73 -28.65
C CYS A 417 24.22 -3.53 -28.11
N LYS A 418 23.55 -2.99 -27.10
CA LYS A 418 22.36 -3.62 -26.53
C LYS A 418 21.14 -2.71 -26.69
N PRO A 419 20.56 -2.67 -27.90
CA PRO A 419 19.48 -1.72 -28.17
C PRO A 419 18.30 -1.90 -27.23
N GLY A 420 17.86 -0.80 -26.63
CA GLY A 420 16.68 -0.81 -25.77
C GLY A 420 16.95 -1.11 -24.31
N LEU A 421 18.12 -1.66 -24.00
CA LEU A 421 18.46 -1.96 -22.62
C LEU A 421 19.02 -0.73 -21.89
N LEU A 422 18.75 -0.64 -20.59
CA LEU A 422 19.21 0.45 -19.76
C LEU A 422 19.74 -0.07 -18.44
N VAL A 423 20.71 0.64 -17.88
CA VAL A 423 21.05 0.51 -16.47
C VAL A 423 20.96 1.88 -15.81
N CYS A 424 20.64 1.89 -14.52
CA CYS A 424 20.70 3.12 -13.72
C CYS A 424 22.17 3.42 -13.43
N LEU A 425 22.43 4.60 -12.87
CA LEU A 425 23.82 5.05 -12.76
C LEU A 425 24.59 4.32 -11.64
N HIS A 426 23.89 3.53 -10.83
CA HIS A 426 24.57 2.65 -9.88
C HIS A 426 25.15 1.39 -10.52
N HIS A 427 24.73 1.09 -11.74
CA HIS A 427 25.07 -0.17 -12.37
C HIS A 427 25.62 -0.06 -13.78
N VAL A 428 26.40 0.98 -14.00
CA VAL A 428 27.03 1.21 -15.30
C VAL A 428 27.82 -0.01 -15.80
N LYS A 429 28.44 -0.76 -14.89
CA LYS A 429 29.23 -1.94 -15.29
C LYS A 429 28.39 -3.16 -15.65
N GLU A 430 27.07 -3.06 -15.51
CA GLU A 430 26.23 -4.24 -15.67
C GLU A 430 25.49 -4.30 -17.00
N LEU A 431 25.79 -3.38 -17.92
CA LEU A 431 25.00 -3.27 -19.13
C LEU A 431 25.47 -4.20 -20.26
N CYS A 432 26.76 -4.16 -20.55
CA CYS A 432 27.35 -4.97 -21.61
C CYS A 432 28.87 -4.93 -21.52
N SER A 433 29.53 -5.67 -22.41
CA SER A 433 30.98 -5.81 -22.34
C SER A 433 31.73 -4.69 -23.06
N CYS A 434 30.99 -3.85 -23.79
CA CYS A 434 31.61 -2.74 -24.52
C CYS A 434 32.25 -1.76 -23.55
N PRO A 435 33.33 -1.11 -23.98
CA PRO A 435 33.96 -0.06 -23.17
C PRO A 435 33.04 1.12 -23.05
N PRO A 436 33.05 1.78 -21.88
CA PRO A 436 32.20 2.93 -21.55
C PRO A 436 32.20 4.08 -22.56
N TYR A 437 33.21 4.28 -23.40
CA TYR A 437 33.07 5.39 -24.35
C TYR A 437 32.02 5.09 -25.41
N LYS A 438 31.61 3.83 -25.52
CA LYS A 438 30.51 3.47 -26.42
C LYS A 438 29.14 3.76 -25.78
N TYR A 439 29.13 4.11 -24.51
CA TYR A 439 27.89 4.37 -23.78
C TYR A 439 27.37 5.79 -23.95
N LYS A 440 26.08 5.97 -23.68
CA LYS A 440 25.51 7.30 -23.62
C LYS A 440 24.81 7.49 -22.29
N LEU A 441 25.06 8.63 -21.66
CA LEU A 441 24.23 9.07 -20.55
C LEU A 441 22.93 9.64 -21.12
N ARG A 442 21.82 8.97 -20.82
CA ARG A 442 20.48 9.48 -21.15
C ARG A 442 19.93 10.18 -19.92
N TYR A 443 19.55 11.44 -20.05
CA TYR A 443 19.15 12.20 -18.87
C TYR A 443 17.87 12.97 -19.15
N ARG A 444 17.01 13.10 -18.13
CA ARG A 444 15.76 13.85 -18.34
C ARG A 444 16.01 15.36 -18.30
N TYR A 445 16.84 15.79 -17.36
CA TYR A 445 17.08 17.21 -17.12
C TYR A 445 18.55 17.46 -16.93
N THR A 446 19.03 18.63 -17.37
CA THR A 446 20.35 19.07 -16.95
C THR A 446 20.25 19.62 -15.54
N LEU A 447 21.38 19.70 -14.83
CA LEU A 447 21.40 20.36 -13.54
C LEU A 447 20.86 21.77 -13.66
N ASP A 448 21.21 22.46 -14.76
CA ASP A 448 20.70 23.80 -15.01
C ASP A 448 19.18 23.89 -15.20
N ASP A 449 18.54 22.82 -15.67
CA ASP A 449 17.07 22.73 -15.72
C ASP A 449 16.49 22.57 -14.31
N LEU A 450 17.18 21.79 -13.50
CA LEU A 450 16.64 21.35 -12.21
C LEU A 450 16.62 22.43 -11.13
N TYR A 451 17.67 23.25 -11.03
CA TYR A 451 17.69 24.26 -9.98
C TYR A 451 16.53 25.29 -10.08
N PRO A 452 16.20 25.76 -11.30
CA PRO A 452 14.99 26.60 -11.43
C PRO A 452 13.68 25.92 -11.00
N MET A 453 13.55 24.62 -11.25
CA MET A 453 12.36 23.89 -10.85
C MET A 453 12.27 23.90 -9.32
N MET A 454 13.42 23.69 -8.68
CA MET A 454 13.41 23.69 -7.23
C MET A 454 13.11 25.10 -6.70
N ASN A 455 13.61 26.13 -7.39
N ASN A 455 13.57 26.11 -7.41
CA ASN A 455 13.36 27.51 -6.99
CA ASN A 455 13.36 27.47 -6.96
C ASN A 455 11.88 27.89 -7.02
C ASN A 455 11.91 27.93 -7.06
N ALA A 456 11.17 27.33 -8.00
CA ALA A 456 9.74 27.60 -8.12
C ALA A 456 9.03 27.07 -6.88
N LEU A 457 9.45 25.91 -6.38
CA LEU A 457 8.88 25.35 -5.16
C LEU A 457 9.16 26.24 -3.97
N LYS A 458 10.37 26.77 -3.90
CA LYS A 458 10.75 27.64 -2.80
C LYS A 458 9.90 28.92 -2.79
N LEU A 459 9.71 29.52 -3.97
CA LEU A 459 8.86 30.70 -4.08
C LEU A 459 7.42 30.39 -3.68
N ARG A 460 6.90 29.25 -4.14
CA ARG A 460 5.55 28.87 -3.75
C ARG A 460 5.46 28.64 -2.25
N ALA A 461 6.48 28.00 -1.70
CA ALA A 461 6.53 27.75 -0.26
C ALA A 461 6.79 29.04 0.50
N GLU A 462 7.26 30.05 -0.22
CA GLU A 462 7.60 31.37 0.34
C GLU A 462 8.62 31.24 1.45
#